data_5VKC
#
_entry.id   5VKC
#
_cell.length_a   63.920
_cell.length_b   63.920
_cell.length_c   91.400
_cell.angle_alpha   90.000
_cell.angle_beta   90.000
_cell.angle_gamma   120.000
#
_symmetry.space_group_name_H-M   'P 32'
#
loop_
_entity.id
_entity.type
_entity.pdbx_description
1 polymer 'Induced myeloid leukemia cell differentiation protein Mcl-1'
2 non-polymer '7-(3-{[4-(4-acetylpiperazin-1-yl)phenoxy]methyl}-1,5-dimethyl-1H-pyrazol-4-yl)-3-{3-[(naphthalen-1-yl)oxy]propyl}-1-[(pyridin-3-yl)methyl]-1H-indole-2-carboxylic acid'
3 non-polymer 'ZINC ION'
4 water water
#
_entity_poly.entity_id   1
_entity_poly.type   'polypeptide(L)'
_entity_poly.pdbx_seq_one_letter_code
;GSMDLYRQSLEIISRYLREQATGAKDTKPMGRSGATSRKALETLRRVGDGVQRNHETAFQGMLRKLDIKNEDDVKSLSRV
MIHVFSDGVTNWGRIVTLISFGAFVAKHLKTINQESCIEPLAESITDVLVRTKRDWLVKQRGWDGFVEFFHVEDLEG
;
_entity_poly.pdbx_strand_id   A,B
#
# COMPACT_ATOMS: atom_id res chain seq x y z
N MET A 3 27.09 4.79 -11.35
CA MET A 3 26.20 5.41 -12.33
C MET A 3 24.82 4.71 -12.34
N ASP A 4 23.78 5.44 -12.77
CA ASP A 4 22.37 5.03 -12.91
C ASP A 4 21.76 4.67 -11.56
N LEU A 5 22.07 3.48 -10.97
CA LEU A 5 21.52 3.13 -9.65
C LEU A 5 22.01 4.09 -8.58
N TYR A 6 23.30 4.45 -8.60
CA TYR A 6 23.86 5.41 -7.66
C TYR A 6 23.22 6.80 -7.83
N ARG A 7 23.23 7.32 -9.06
CA ARG A 7 22.73 8.65 -9.43
C ARG A 7 21.25 8.79 -9.14
N GLN A 8 20.45 7.75 -9.45
CA GLN A 8 19.00 7.72 -9.17
C GLN A 8 18.75 7.76 -7.65
N SER A 9 19.50 6.94 -6.88
CA SER A 9 19.45 6.87 -5.43
C SER A 9 19.81 8.20 -4.81
N LEU A 10 20.86 8.87 -5.33
CA LEU A 10 21.29 10.17 -4.87
C LEU A 10 20.24 11.25 -5.13
N GLU A 11 19.54 11.17 -6.27
CA GLU A 11 18.51 12.12 -6.63
C GLU A 11 17.30 12.02 -5.68
N ILE A 12 16.80 10.79 -5.43
CA ILE A 12 15.67 10.51 -4.53
C ILE A 12 15.98 10.91 -3.07
N ILE A 13 17.11 10.39 -2.51
CA ILE A 13 17.49 10.66 -1.11
C ILE A 13 17.75 12.15 -0.88
N SER A 14 18.43 12.83 -1.81
CA SER A 14 18.73 14.26 -1.60
C SER A 14 17.49 15.14 -1.74
N ARG A 15 16.56 14.79 -2.65
CA ARG A 15 15.29 15.52 -2.79
C ARG A 15 14.49 15.35 -1.50
N TYR A 16 14.39 14.11 -1.01
CA TYR A 16 13.63 13.81 0.20
C TYR A 16 14.19 14.51 1.44
N LEU A 17 15.52 14.49 1.61
CA LEU A 17 16.15 15.15 2.77
C LEU A 17 15.99 16.68 2.72
N ARG A 18 16.12 17.28 1.52
CA ARG A 18 15.99 18.72 1.28
C ARG A 18 14.56 19.20 1.61
N GLU A 19 13.53 18.49 1.10
CA GLU A 19 12.14 18.85 1.33
C GLU A 19 11.71 18.68 2.80
N GLN A 20 12.25 17.67 3.51
CA GLN A 20 11.95 17.40 4.93
C GLN A 20 12.52 18.51 5.82
N ALA A 21 13.72 18.99 5.50
CA ALA A 21 14.43 20.06 6.20
C ALA A 21 13.77 21.44 6.02
N THR A 22 13.41 21.79 4.76
CA THR A 22 12.83 23.09 4.40
C THR A 22 11.31 23.15 4.58
N GLY A 23 10.63 22.02 4.47
CA GLY A 23 9.18 21.92 4.57
C GLY A 23 8.49 22.16 3.24
N ALA A 24 9.24 22.68 2.23
CA ALA A 24 8.79 23.00 0.88
C ALA A 24 8.82 21.77 -0.05
N LYS A 25 8.29 21.89 -1.28
CA LYS A 25 8.26 20.82 -2.28
C LYS A 25 8.76 21.30 -3.63
N SER A 33 15.33 8.88 -12.73
CA SER A 33 14.95 8.28 -14.00
C SER A 33 13.42 8.35 -14.25
N GLY A 34 13.00 9.53 -14.70
CA GLY A 34 11.61 9.84 -15.05
C GLY A 34 10.56 9.57 -14.00
N ALA A 35 9.57 8.74 -14.36
CA ALA A 35 8.42 8.37 -13.52
C ALA A 35 8.79 7.56 -12.28
N THR A 36 9.85 6.72 -12.36
CA THR A 36 10.33 5.89 -11.23
C THR A 36 10.75 6.77 -10.06
N SER A 37 11.55 7.83 -10.32
CA SER A 37 12.01 8.76 -9.30
C SER A 37 10.88 9.55 -8.65
N ARG A 38 9.85 9.94 -9.45
CA ARG A 38 8.66 10.67 -8.96
C ARG A 38 7.86 9.74 -8.05
N LYS A 39 7.58 8.52 -8.53
CA LYS A 39 6.88 7.48 -7.78
C LYS A 39 7.61 7.12 -6.48
N ALA A 40 8.97 6.95 -6.55
CA ALA A 40 9.84 6.64 -5.40
C ALA A 40 9.75 7.73 -4.35
N LEU A 41 9.86 9.00 -4.77
CA LEU A 41 9.71 10.17 -3.88
C LEU A 41 8.34 10.13 -3.19
N GLU A 42 7.26 9.87 -3.97
CA GLU A 42 5.88 9.78 -3.49
C GLU A 42 5.72 8.68 -2.44
N THR A 43 6.26 7.47 -2.70
CA THR A 43 6.19 6.35 -1.77
C THR A 43 7.01 6.66 -0.50
N LEU A 44 8.19 7.29 -0.68
CA LEU A 44 9.10 7.68 0.40
C LEU A 44 8.47 8.76 1.29
N ARG A 45 7.70 9.71 0.71
CA ARG A 45 7.01 10.74 1.51
C ARG A 45 5.97 10.09 2.40
N ARG A 46 5.19 9.14 1.86
CA ARG A 46 4.16 8.44 2.61
C ARG A 46 4.76 7.55 3.70
N VAL A 47 5.60 6.57 3.31
CA VAL A 47 6.17 5.59 4.24
C VAL A 47 7.22 6.21 5.19
N GLY A 48 8.09 7.07 4.65
CA GLY A 48 9.13 7.73 5.41
C GLY A 48 8.62 8.60 6.54
N ASP A 49 7.55 9.38 6.26
CA ASP A 49 6.92 10.26 7.26
C ASP A 49 6.23 9.45 8.33
N GLY A 50 5.70 8.28 7.94
CA GLY A 50 5.05 7.34 8.84
C GLY A 50 6.02 6.81 9.87
N VAL A 51 7.19 6.31 9.39
CA VAL A 51 8.29 5.78 10.19
C VAL A 51 8.79 6.82 11.21
N GLN A 52 8.95 8.08 10.76
CA GLN A 52 9.39 9.17 11.63
C GLN A 52 8.42 9.45 12.76
N ARG A 53 7.10 9.38 12.48
CA ARG A 53 6.04 9.58 13.48
C ARG A 53 5.97 8.39 14.44
N ASN A 54 5.98 7.16 13.89
CA ASN A 54 5.86 5.92 14.66
C ASN A 54 7.12 5.55 15.47
N HIS A 55 8.29 6.15 15.14
CA HIS A 55 9.53 5.83 15.85
C HIS A 55 10.30 7.09 16.31
N GLU A 56 9.55 8.17 16.62
CA GLU A 56 10.10 9.44 17.10
C GLU A 56 10.97 9.29 18.36
N THR A 57 10.55 8.42 19.29
CA THR A 57 11.26 8.11 20.53
C THR A 57 12.65 7.49 20.25
N ALA A 58 12.68 6.41 19.43
CA ALA A 58 13.94 5.73 19.06
C ALA A 58 14.85 6.64 18.24
N PHE A 59 14.26 7.47 17.38
CA PHE A 59 15.01 8.41 16.54
C PHE A 59 15.60 9.55 17.38
N GLN A 60 14.88 10.02 18.42
CA GLN A 60 15.37 11.07 19.34
C GLN A 60 16.51 10.55 20.21
N GLY A 61 16.37 9.32 20.70
CA GLY A 61 17.40 8.66 21.51
C GLY A 61 18.68 8.41 20.73
N MET A 62 18.54 8.04 19.44
CA MET A 62 19.67 7.82 18.53
C MET A 62 20.36 9.16 18.24
N LEU A 63 19.58 10.21 17.98
CA LEU A 63 20.05 11.58 17.72
C LEU A 63 20.86 12.11 18.91
N ARG A 64 20.39 11.86 20.15
CA ARG A 64 21.07 12.26 21.39
C ARG A 64 22.43 11.56 21.54
N LYS A 65 22.49 10.24 21.28
CA LYS A 65 23.72 9.44 21.35
C LYS A 65 24.78 9.90 20.34
N LEU A 66 24.35 10.35 19.14
CA LEU A 66 25.26 10.82 18.10
C LEU A 66 25.84 12.21 18.42
N ASP A 67 25.10 13.02 19.21
CA ASP A 67 25.41 14.38 19.68
C ASP A 67 26.08 15.24 18.59
N ILE A 68 25.27 15.78 17.66
CA ILE A 68 25.73 16.59 16.53
C ILE A 68 25.77 18.08 16.90
N LYS A 69 26.99 18.64 16.97
CA LYS A 69 27.28 20.04 17.34
C LYS A 69 28.01 20.80 16.22
N ASN A 70 29.01 20.16 15.58
CA ASN A 70 29.83 20.72 14.50
C ASN A 70 29.77 19.86 13.20
N GLU A 71 30.46 20.28 12.11
CA GLU A 71 30.44 19.53 10.85
C GLU A 71 31.31 18.24 10.90
N ASP A 72 32.20 18.12 11.91
CA ASP A 72 33.01 16.91 12.11
C ASP A 72 32.12 15.77 12.63
N ASP A 73 31.06 16.13 13.36
CA ASP A 73 30.06 15.21 13.89
C ASP A 73 29.22 14.60 12.76
N VAL A 74 28.91 15.39 11.72
CA VAL A 74 28.14 14.97 10.55
C VAL A 74 28.99 14.00 9.72
N LYS A 75 30.28 14.33 9.50
CA LYS A 75 31.22 13.49 8.74
C LYS A 75 31.46 12.14 9.43
N SER A 76 31.37 12.10 10.77
CA SER A 76 31.62 10.90 11.58
C SER A 76 30.43 9.91 11.61
N LEU A 77 29.27 10.32 11.08
CA LEU A 77 28.05 9.51 11.03
C LEU A 77 28.23 8.21 10.20
N SER A 78 29.01 8.27 9.07
CA SER A 78 29.25 7.14 8.18
C SER A 78 29.78 5.91 8.92
N ARG A 79 30.70 6.08 9.87
CA ARG A 79 31.31 5.01 10.69
C ARG A 79 30.27 4.13 11.39
N VAL A 80 29.28 4.76 12.07
CA VAL A 80 28.19 4.06 12.77
C VAL A 80 27.24 3.46 11.73
N MET A 81 26.87 4.27 10.72
CA MET A 81 25.94 3.96 9.64
C MET A 81 26.28 2.68 8.88
N ILE A 82 27.52 2.53 8.33
CA ILE A 82 27.86 1.30 7.60
C ILE A 82 27.73 0.07 8.45
N HIS A 83 28.22 0.10 9.71
CA HIS A 83 28.17 -1.09 10.55
C HIS A 83 26.71 -1.46 10.92
N VAL A 84 25.93 -0.50 11.43
CA VAL A 84 24.54 -0.69 11.89
C VAL A 84 23.65 -1.14 10.75
N PHE A 85 23.65 -0.41 9.61
CA PHE A 85 22.86 -0.74 8.42
C PHE A 85 23.27 -2.08 7.79
N SER A 86 24.58 -2.31 7.61
CA SER A 86 25.12 -3.49 6.94
C SER A 86 24.91 -4.78 7.71
N ASP A 87 24.87 -4.72 9.05
CA ASP A 87 24.65 -5.92 9.89
C ASP A 87 23.22 -6.44 9.73
N GLY A 88 23.00 -7.73 9.91
CA GLY A 88 21.67 -8.34 9.82
C GLY A 88 21.14 -8.52 8.42
N VAL A 89 19.88 -8.97 8.32
CA VAL A 89 19.18 -9.20 7.06
C VAL A 89 18.66 -7.88 6.47
N THR A 90 18.81 -7.70 5.17
CA THR A 90 18.35 -6.52 4.45
C THR A 90 16.95 -6.74 3.90
N ASN A 91 16.14 -5.68 3.95
CA ASN A 91 14.76 -5.66 3.44
C ASN A 91 14.39 -4.19 3.21
N TRP A 92 13.27 -3.91 2.49
CA TRP A 92 12.85 -2.53 2.22
C TRP A 92 12.52 -1.72 3.48
N GLY A 93 12.10 -2.38 4.56
CA GLY A 93 11.81 -1.73 5.83
C GLY A 93 13.02 -1.02 6.42
N ARG A 94 14.17 -1.67 6.39
CA ARG A 94 15.41 -1.10 6.88
C ARG A 94 15.95 0.04 6.01
N ILE A 95 15.79 -0.07 4.71
CA ILE A 95 16.19 0.97 3.76
C ILE A 95 15.39 2.24 4.03
N VAL A 96 14.07 2.10 4.27
CA VAL A 96 13.17 3.21 4.65
C VAL A 96 13.66 3.81 5.97
N THR A 97 14.00 2.98 6.98
CA THR A 97 14.49 3.43 8.30
C THR A 97 15.77 4.23 8.15
N LEU A 98 16.69 3.74 7.31
CA LEU A 98 17.94 4.41 7.01
C LEU A 98 17.67 5.82 6.43
N ILE A 99 16.78 5.93 5.43
CA ILE A 99 16.46 7.19 4.76
C ILE A 99 15.63 8.14 5.67
N SER A 100 14.61 7.61 6.38
CA SER A 100 13.73 8.36 7.31
C SER A 100 14.56 8.93 8.46
N PHE A 101 15.51 8.14 9.00
CA PHE A 101 16.39 8.68 10.05
C PHE A 101 17.30 9.78 9.46
N GLY A 102 17.65 9.68 8.17
CA GLY A 102 18.40 10.71 7.47
C GLY A 102 17.63 12.03 7.41
N ALA A 103 16.32 11.96 7.13
CA ALA A 103 15.41 13.12 7.08
C ALA A 103 15.27 13.73 8.49
N PHE A 104 15.20 12.85 9.52
CA PHE A 104 15.14 13.24 10.92
C PHE A 104 16.40 14.00 11.34
N VAL A 105 17.59 13.51 10.92
CA VAL A 105 18.88 14.18 11.19
C VAL A 105 18.91 15.53 10.41
N ALA A 106 18.48 15.55 9.12
CA ALA A 106 18.43 16.77 8.28
C ALA A 106 17.60 17.90 8.92
N LYS A 107 16.46 17.56 9.57
CA LYS A 107 15.60 18.52 10.28
C LYS A 107 16.38 19.16 11.42
N HIS A 108 17.11 18.36 12.22
CA HIS A 108 17.92 18.91 13.29
C HIS A 108 19.10 19.71 12.77
N LEU A 109 19.64 19.38 11.57
CA LEU A 109 20.76 20.13 10.98
C LEU A 109 20.36 21.57 10.70
N LYS A 110 19.15 21.78 10.16
CA LYS A 110 18.57 23.08 9.87
C LYS A 110 18.42 23.91 11.17
N THR A 111 17.97 23.25 12.26
CA THR A 111 17.76 23.81 13.60
C THR A 111 19.04 24.37 14.23
N ILE A 112 20.20 23.75 13.94
CA ILE A 112 21.50 24.12 14.51
C ILE A 112 22.43 24.84 13.48
N ASN A 113 21.82 25.49 12.46
CA ASN A 113 22.47 26.25 11.40
C ASN A 113 23.57 25.48 10.64
N GLN A 114 23.31 24.19 10.33
CA GLN A 114 24.22 23.35 9.56
C GLN A 114 23.45 22.79 8.35
N GLU A 115 22.61 23.64 7.74
CA GLU A 115 21.78 23.32 6.57
C GLU A 115 22.63 22.95 5.34
N SER A 116 23.82 23.53 5.21
CA SER A 116 24.71 23.24 4.09
C SER A 116 25.28 21.82 4.16
N CYS A 117 25.36 21.19 5.36
CA CYS A 117 25.87 19.83 5.52
C CYS A 117 24.73 18.74 5.29
N ILE A 118 23.54 19.16 4.73
CA ILE A 118 22.37 18.30 4.38
C ILE A 118 22.59 17.53 3.04
N GLU A 119 23.11 18.22 2.01
CA GLU A 119 23.44 17.61 0.72
C GLU A 119 24.61 16.57 0.94
N PRO A 120 25.73 16.87 1.64
CA PRO A 120 26.75 15.83 1.90
C PRO A 120 26.22 14.68 2.76
N LEU A 121 25.22 14.92 3.64
CA LEU A 121 24.59 13.87 4.46
C LEU A 121 23.85 12.89 3.54
N ALA A 122 23.09 13.43 2.57
CA ALA A 122 22.34 12.62 1.62
C ALA A 122 23.27 11.78 0.75
N GLU A 123 24.44 12.33 0.44
CA GLU A 123 25.42 11.65 -0.39
C GLU A 123 26.11 10.53 0.43
N SER A 124 26.32 10.73 1.75
CA SER A 124 26.90 9.72 2.66
C SER A 124 25.95 8.54 2.80
N ILE A 125 24.62 8.82 2.93
CA ILE A 125 23.56 7.81 3.05
C ILE A 125 23.54 6.98 1.79
N THR A 126 23.60 7.63 0.62
CA THR A 126 23.63 6.98 -0.70
C THR A 126 24.85 6.03 -0.83
N ASP A 127 26.03 6.46 -0.36
CA ASP A 127 27.25 5.64 -0.37
C ASP A 127 27.06 4.38 0.46
N VAL A 128 26.50 4.49 1.67
CA VAL A 128 26.26 3.32 2.49
C VAL A 128 25.26 2.36 1.82
N LEU A 129 24.12 2.90 1.36
CA LEU A 129 23.10 2.09 0.71
C LEU A 129 23.59 1.34 -0.54
N VAL A 130 24.12 2.07 -1.53
CA VAL A 130 24.50 1.50 -2.83
C VAL A 130 25.80 0.66 -2.75
N ARG A 131 26.80 1.09 -1.97
CA ARG A 131 28.06 0.34 -1.89
C ARG A 131 27.97 -0.91 -0.98
N THR A 132 26.95 -1.02 -0.09
CA THR A 132 26.83 -2.25 0.72
C THR A 132 25.74 -3.18 0.21
N LYS A 133 24.74 -2.64 -0.52
CA LYS A 133 23.58 -3.44 -0.94
C LYS A 133 23.31 -3.47 -2.45
N ARG A 134 24.28 -3.08 -3.30
CA ARG A 134 24.13 -3.08 -4.77
C ARG A 134 23.41 -4.32 -5.34
N ASP A 135 23.95 -5.52 -5.08
CA ASP A 135 23.40 -6.79 -5.60
C ASP A 135 21.97 -7.04 -5.19
N TRP A 136 21.62 -6.79 -3.92
CA TRP A 136 20.27 -6.97 -3.41
C TRP A 136 19.35 -5.99 -4.13
N LEU A 137 19.75 -4.71 -4.26
CA LEU A 137 18.97 -3.67 -4.95
C LEU A 137 18.67 -4.04 -6.40
N VAL A 138 19.70 -4.49 -7.15
CA VAL A 138 19.58 -4.92 -8.57
C VAL A 138 18.56 -6.07 -8.69
N LYS A 139 18.69 -7.12 -7.87
CA LYS A 139 17.80 -8.28 -7.85
C LYS A 139 16.37 -7.91 -7.43
N GLN A 140 16.21 -6.84 -6.64
CA GLN A 140 14.90 -6.39 -6.16
C GLN A 140 14.28 -5.38 -7.12
N ARG A 141 14.90 -5.18 -8.31
CA ARG A 141 14.50 -4.29 -9.41
C ARG A 141 14.66 -2.79 -9.09
N GLY A 142 15.57 -2.49 -8.16
CA GLY A 142 15.91 -1.13 -7.75
C GLY A 142 14.75 -0.36 -7.15
N TRP A 143 14.63 0.92 -7.55
CA TRP A 143 13.59 1.80 -7.09
C TRP A 143 12.20 1.42 -7.60
N ASP A 144 12.12 0.67 -8.72
CA ASP A 144 10.84 0.17 -9.24
C ASP A 144 10.31 -0.91 -8.28
N GLY A 145 11.20 -1.77 -7.78
CA GLY A 145 10.86 -2.80 -6.81
C GLY A 145 10.41 -2.23 -5.47
N PHE A 146 10.98 -1.07 -5.10
CA PHE A 146 10.68 -0.32 -3.89
C PHE A 146 9.25 0.24 -3.95
N VAL A 147 8.87 0.82 -5.11
CA VAL A 147 7.55 1.38 -5.39
C VAL A 147 6.44 0.29 -5.30
N GLU A 148 6.60 -0.86 -6.00
CA GLU A 148 5.57 -1.90 -5.94
C GLU A 148 5.56 -2.64 -4.60
N PHE A 149 6.68 -2.69 -3.84
CA PHE A 149 6.67 -3.33 -2.51
C PHE A 149 5.74 -2.57 -1.54
N PHE A 150 5.72 -1.23 -1.62
CA PHE A 150 4.89 -0.35 -0.79
C PHE A 150 3.61 0.10 -1.50
N HIS A 151 3.25 -0.54 -2.63
CA HIS A 151 2.07 -0.14 -3.40
C HIS A 151 0.75 -0.34 -2.64
N VAL A 152 0.54 -1.54 -2.11
CA VAL A 152 -0.69 -1.91 -1.40
C VAL A 152 -0.53 -1.76 0.13
N GLU A 153 -1.38 -0.91 0.75
CA GLU A 153 -1.57 -0.56 2.17
C GLU A 153 -1.00 0.82 2.50
N MET B 3 -29.23 -4.70 9.85
CA MET B 3 -30.44 -5.16 9.16
C MET B 3 -30.74 -4.37 7.87
N ASP B 4 -31.55 -4.99 6.99
CA ASP B 4 -32.03 -4.47 5.69
C ASP B 4 -30.88 -4.14 4.74
N LEU B 5 -30.15 -3.00 4.94
CA LEU B 5 -29.01 -2.68 4.06
C LEU B 5 -27.92 -3.75 4.17
N TYR B 6 -27.61 -4.20 5.39
CA TYR B 6 -26.62 -5.25 5.60
C TYR B 6 -27.07 -6.57 4.97
N ARG B 7 -28.29 -7.02 5.29
CA ARG B 7 -28.88 -8.28 4.84
C ARG B 7 -29.02 -8.33 3.34
N GLN B 8 -29.47 -7.22 2.71
CA GLN B 8 -29.60 -7.10 1.25
C GLN B 8 -28.22 -7.20 0.58
N SER B 9 -27.22 -6.48 1.12
CA SER B 9 -25.83 -6.49 0.67
C SER B 9 -25.24 -7.87 0.76
N LEU B 10 -25.50 -8.58 1.88
CA LEU B 10 -25.03 -9.95 2.09
C LEU B 10 -25.66 -10.92 1.08
N GLU B 11 -26.94 -10.72 0.74
CA GLU B 11 -27.65 -11.58 -0.21
C GLU B 11 -27.06 -11.44 -1.62
N ILE B 12 -26.87 -10.19 -2.10
CA ILE B 12 -26.30 -9.87 -3.42
C ILE B 12 -24.85 -10.37 -3.56
N ILE B 13 -23.98 -9.99 -2.60
CA ILE B 13 -22.55 -10.36 -2.64
C ILE B 13 -22.36 -11.87 -2.55
N SER B 14 -23.10 -12.55 -1.69
CA SER B 14 -22.92 -13.99 -1.55
C SER B 14 -23.47 -14.76 -2.75
N ARG B 15 -24.59 -14.31 -3.35
CA ARG B 15 -25.13 -14.93 -4.57
C ARG B 15 -24.11 -14.77 -5.70
N TYR B 16 -23.56 -13.56 -5.86
CA TYR B 16 -22.59 -13.27 -6.92
C TYR B 16 -21.30 -14.07 -6.76
N LEU B 17 -20.77 -14.17 -5.54
CA LEU B 17 -19.53 -14.94 -5.31
C LEU B 17 -19.74 -16.45 -5.53
N ARG B 18 -20.90 -16.98 -5.09
CA ARG B 18 -21.27 -18.40 -5.24
C ARG B 18 -21.40 -18.77 -6.73
N GLU B 19 -22.13 -17.97 -7.53
CA GLU B 19 -22.32 -18.25 -8.95
C GLU B 19 -21.01 -18.13 -9.76
N GLN B 20 -20.10 -17.19 -9.39
CA GLN B 20 -18.81 -16.99 -10.06
C GLN B 20 -17.89 -18.18 -9.84
N ALA B 21 -17.90 -18.74 -8.62
CA ALA B 21 -17.11 -19.90 -8.21
C ALA B 21 -17.57 -21.20 -8.86
N THR B 22 -18.90 -21.45 -8.88
CA THR B 22 -19.53 -22.67 -9.39
C THR B 22 -19.84 -22.66 -10.91
N GLY B 23 -20.02 -21.47 -11.49
CA GLY B 23 -20.33 -21.31 -12.90
C GLY B 23 -21.82 -21.34 -13.21
N ALA B 24 -22.64 -21.84 -12.24
CA ALA B 24 -24.10 -21.96 -12.32
C ALA B 24 -24.84 -20.65 -12.01
N LYS B 25 -26.19 -20.68 -11.91
CA LYS B 25 -27.05 -19.54 -11.60
C LYS B 25 -28.35 -20.01 -10.94
N SER B 33 -34.12 -7.79 -1.34
CA SER B 33 -35.41 -7.09 -1.30
C SER B 33 -36.08 -7.03 -2.69
N GLY B 34 -36.72 -8.14 -3.05
CA GLY B 34 -37.46 -8.33 -4.29
C GLY B 34 -36.73 -8.04 -5.58
N ALA B 35 -37.29 -7.11 -6.38
CA ALA B 35 -36.78 -6.70 -7.68
C ALA B 35 -35.43 -6.00 -7.64
N THR B 36 -35.14 -5.23 -6.55
CA THR B 36 -33.87 -4.51 -6.36
C THR B 36 -32.70 -5.47 -6.34
N SER B 37 -32.80 -6.58 -5.57
CA SER B 37 -31.77 -7.61 -5.47
C SER B 37 -31.52 -8.33 -6.79
N ARG B 38 -32.60 -8.61 -7.56
CA ARG B 38 -32.52 -9.26 -8.87
C ARG B 38 -31.80 -8.33 -9.85
N LYS B 39 -32.24 -7.05 -9.92
CA LYS B 39 -31.64 -6.00 -10.75
C LYS B 39 -30.17 -5.78 -10.38
N ALA B 40 -29.84 -5.71 -9.07
CA ALA B 40 -28.47 -5.53 -8.54
C ALA B 40 -27.58 -6.67 -8.98
N LEU B 41 -28.05 -7.92 -8.84
CA LEU B 41 -27.32 -9.12 -9.30
C LEU B 41 -27.05 -9.02 -10.80
N GLU B 42 -28.08 -8.63 -11.59
CA GLU B 42 -27.99 -8.46 -13.05
C GLU B 42 -26.95 -7.41 -13.43
N THR B 43 -26.97 -6.23 -12.77
CA THR B 43 -26.00 -5.17 -13.04
C THR B 43 -24.59 -5.61 -12.64
N LEU B 44 -24.46 -6.31 -11.50
CA LEU B 44 -23.21 -6.84 -10.96
C LEU B 44 -22.62 -7.92 -11.87
N ARG B 45 -23.45 -8.78 -12.49
CA ARG B 45 -22.97 -9.79 -13.45
C ARG B 45 -22.36 -9.10 -14.66
N ARG B 46 -23.02 -8.08 -15.20
CA ARG B 46 -22.54 -7.34 -16.35
C ARG B 46 -21.26 -6.56 -16.04
N VAL B 47 -21.32 -5.62 -15.07
CA VAL B 47 -20.20 -4.74 -14.73
C VAL B 47 -19.05 -5.50 -14.04
N GLY B 48 -19.38 -6.39 -13.10
CA GLY B 48 -18.41 -7.17 -12.35
C GLY B 48 -17.54 -8.06 -13.22
N ASP B 49 -18.16 -8.74 -14.21
CA ASP B 49 -17.45 -9.61 -15.15
C ASP B 49 -16.56 -8.81 -16.07
N GLY B 50 -16.99 -7.59 -16.39
CA GLY B 50 -16.24 -6.64 -17.22
C GLY B 50 -14.93 -6.25 -16.54
N VAL B 51 -15.03 -5.82 -15.27
CA VAL B 51 -13.92 -5.44 -14.40
C VAL B 51 -12.89 -6.57 -14.28
N GLN B 52 -13.37 -7.80 -14.08
CA GLN B 52 -12.49 -8.97 -13.96
C GLN B 52 -11.70 -9.24 -15.24
N ARG B 53 -12.34 -9.05 -16.42
CA ARG B 53 -11.69 -9.23 -17.72
C ARG B 53 -10.70 -8.10 -17.99
N ASN B 54 -11.12 -6.84 -17.75
CA ASN B 54 -10.32 -5.64 -18.01
C ASN B 54 -9.16 -5.42 -17.01
N HIS B 55 -9.21 -6.08 -15.83
CA HIS B 55 -8.16 -5.90 -14.82
C HIS B 55 -7.60 -7.24 -14.29
N GLU B 56 -7.60 -8.28 -15.15
CA GLU B 56 -7.09 -9.62 -14.84
C GLU B 56 -5.63 -9.60 -14.35
N THR B 57 -4.78 -8.76 -14.97
CA THR B 57 -3.37 -8.58 -14.63
C THR B 57 -3.21 -8.04 -13.18
N ALA B 58 -3.90 -6.92 -12.84
CA ALA B 58 -3.85 -6.32 -11.51
C ALA B 58 -4.45 -7.25 -10.45
N PHE B 59 -5.52 -7.99 -10.80
CA PHE B 59 -6.17 -8.93 -9.89
C PHE B 59 -5.27 -10.15 -9.63
N GLN B 60 -4.53 -10.63 -10.67
CA GLN B 60 -3.60 -11.77 -10.52
C GLN B 60 -2.41 -11.39 -9.65
N GLY B 61 -1.87 -10.19 -9.84
CA GLY B 61 -0.75 -9.66 -9.06
C GLY B 61 -1.12 -9.45 -7.61
N MET B 62 -2.37 -9.01 -7.34
CA MET B 62 -2.90 -8.81 -6.00
C MET B 62 -3.09 -10.18 -5.32
N LEU B 63 -3.64 -11.16 -6.06
CA LEU B 63 -3.86 -12.53 -5.61
C LEU B 63 -2.54 -13.21 -5.21
N ARG B 64 -1.47 -12.98 -6.00
CA ARG B 64 -0.12 -13.51 -5.73
C ARG B 64 0.46 -12.93 -4.43
N LYS B 65 0.35 -11.60 -4.22
CA LYS B 65 0.81 -10.91 -3.01
C LYS B 65 0.10 -11.38 -1.74
N LEU B 66 -1.19 -11.73 -1.84
CA LEU B 66 -1.98 -12.20 -0.70
C LEU B 66 -1.62 -13.64 -0.31
N ASP B 67 -1.13 -14.44 -1.29
CA ASP B 67 -0.70 -15.84 -1.19
C ASP B 67 -1.62 -16.69 -0.30
N ILE B 68 -2.78 -17.10 -0.85
CA ILE B 68 -3.78 -17.88 -0.13
C ILE B 68 -3.53 -19.39 -0.29
N LYS B 69 -3.17 -20.04 0.83
CA LYS B 69 -2.84 -21.47 0.93
C LYS B 69 -3.77 -22.23 1.90
N ASN B 70 -4.06 -21.63 3.07
CA ASN B 70 -4.90 -22.19 4.13
C ASN B 70 -6.09 -21.25 4.50
N GLU B 71 -6.98 -21.66 5.44
CA GLU B 71 -8.13 -20.84 5.83
C GLU B 71 -7.73 -19.63 6.72
N ASP B 72 -6.51 -19.64 7.29
CA ASP B 72 -5.99 -18.51 8.07
C ASP B 72 -5.66 -17.33 7.14
N ASP B 73 -5.29 -17.65 5.88
CA ASP B 73 -4.99 -16.69 4.83
C ASP B 73 -6.27 -15.95 4.39
N VAL B 74 -7.41 -16.66 4.34
CA VAL B 74 -8.70 -16.11 3.96
C VAL B 74 -9.19 -15.16 5.07
N LYS B 75 -9.06 -15.58 6.36
CA LYS B 75 -9.47 -14.77 7.52
C LYS B 75 -8.64 -13.48 7.64
N SER B 76 -7.37 -13.51 7.17
CA SER B 76 -6.44 -12.39 7.23
C SER B 76 -6.67 -11.31 6.15
N LEU B 77 -7.53 -11.60 5.17
CA LEU B 77 -7.87 -10.70 4.07
C LEU B 77 -8.51 -9.37 4.55
N SER B 78 -9.38 -9.44 5.60
CA SER B 78 -10.08 -8.27 6.16
C SER B 78 -9.13 -7.13 6.52
N ARG B 79 -7.96 -7.43 7.12
CA ARG B 79 -6.94 -6.45 7.53
C ARG B 79 -6.48 -5.53 6.38
N VAL B 80 -6.16 -6.12 5.21
CA VAL B 80 -5.74 -5.39 4.00
C VAL B 80 -6.96 -4.66 3.42
N MET B 81 -8.10 -5.39 3.33
CA MET B 81 -9.37 -4.95 2.78
C MET B 81 -9.90 -3.65 3.37
N ILE B 82 -10.07 -3.55 4.72
CA ILE B 82 -10.58 -2.31 5.32
C ILE B 82 -9.71 -1.13 5.02
N HIS B 83 -8.39 -1.27 5.10
CA HIS B 83 -7.49 -0.12 4.89
C HIS B 83 -7.51 0.32 3.41
N VAL B 84 -7.32 -0.62 2.45
CA VAL B 84 -7.25 -0.35 1.02
C VAL B 84 -8.56 0.23 0.50
N PHE B 85 -9.70 -0.43 0.79
CA PHE B 85 -11.03 0.03 0.40
C PHE B 85 -11.42 1.37 1.03
N SER B 86 -11.21 1.50 2.34
CA SER B 86 -11.61 2.68 3.14
C SER B 86 -10.81 3.94 2.83
N ASP B 87 -9.56 3.82 2.35
CA ASP B 87 -8.73 4.96 1.97
C ASP B 87 -9.24 5.59 0.67
N GLY B 88 -9.03 6.89 0.48
CA GLY B 88 -9.43 7.59 -0.74
C GLY B 88 -10.92 7.89 -0.84
N VAL B 89 -11.33 8.45 -1.99
CA VAL B 89 -12.72 8.80 -2.28
C VAL B 89 -13.53 7.56 -2.67
N THR B 90 -14.75 7.44 -2.14
CA THR B 90 -15.66 6.35 -2.44
C THR B 90 -16.57 6.70 -3.60
N ASN B 91 -16.83 5.71 -4.46
CA ASN B 91 -17.71 5.81 -5.63
C ASN B 91 -18.14 4.41 -6.00
N TRP B 92 -19.16 4.24 -6.88
CA TRP B 92 -19.64 2.91 -7.28
C TRP B 92 -18.59 2.06 -8.01
N GLY B 93 -17.64 2.70 -8.69
CA GLY B 93 -16.54 2.00 -9.37
C GLY B 93 -15.69 1.17 -8.42
N ARG B 94 -15.36 1.72 -7.27
CA ARG B 94 -14.57 1.03 -6.27
C ARG B 94 -15.33 -0.10 -5.56
N ILE B 95 -16.62 0.11 -5.34
CA ILE B 95 -17.49 -0.90 -4.74
C ILE B 95 -17.54 -2.11 -5.65
N VAL B 96 -17.67 -1.89 -6.98
CA VAL B 96 -17.66 -2.96 -8.00
C VAL B 96 -16.31 -3.67 -7.94
N THR B 97 -15.19 -2.91 -7.86
CA THR B 97 -13.83 -3.47 -7.78
C THR B 97 -13.67 -4.37 -6.57
N LEU B 98 -14.17 -3.91 -5.40
CA LEU B 98 -14.15 -4.68 -4.17
C LEU B 98 -14.88 -6.01 -4.35
N ILE B 99 -16.10 -5.97 -4.93
CA ILE B 99 -16.93 -7.17 -5.13
C ILE B 99 -16.38 -8.09 -6.23
N SER B 100 -15.92 -7.52 -7.37
CA SER B 100 -15.33 -8.25 -8.51
C SER B 100 -14.06 -8.98 -8.07
N PHE B 101 -13.20 -8.32 -7.27
CA PHE B 101 -12.02 -9.00 -6.74
C PHE B 101 -12.41 -10.14 -5.79
N GLY B 102 -13.51 -9.97 -5.06
CA GLY B 102 -14.07 -11.02 -4.21
C GLY B 102 -14.43 -12.26 -5.03
N ALA B 103 -15.10 -12.06 -6.17
CA ALA B 103 -15.48 -13.10 -7.13
C ALA B 103 -14.23 -13.78 -7.73
N PHE B 104 -13.19 -12.98 -8.01
CA PHE B 104 -11.91 -13.44 -8.51
C PHE B 104 -11.22 -14.32 -7.45
N VAL B 105 -11.20 -13.89 -6.16
CA VAL B 105 -10.65 -14.67 -5.04
C VAL B 105 -11.47 -15.97 -4.86
N ALA B 106 -12.83 -15.89 -4.90
CA ALA B 106 -13.74 -17.04 -4.78
C ALA B 106 -13.45 -18.15 -5.83
N LYS B 107 -13.11 -17.75 -7.07
CA LYS B 107 -12.75 -18.69 -8.16
C LYS B 107 -11.50 -19.45 -7.78
N HIS B 108 -10.47 -18.76 -7.27
CA HIS B 108 -9.25 -19.43 -6.81
C HIS B 108 -9.48 -20.29 -5.57
N LEU B 109 -10.46 -19.93 -4.70
CA LEU B 109 -10.76 -20.73 -3.50
C LEU B 109 -11.26 -22.11 -3.88
N LYS B 110 -12.13 -22.19 -4.90
CA LYS B 110 -12.67 -23.44 -5.45
C LYS B 110 -11.52 -24.32 -6.01
N THR B 111 -10.55 -23.70 -6.71
CA THR B 111 -9.38 -24.32 -7.34
C THR B 111 -8.47 -25.00 -6.32
N ILE B 112 -8.37 -24.46 -5.09
CA ILE B 112 -7.49 -24.96 -4.04
C ILE B 112 -8.26 -25.68 -2.90
N ASN B 113 -9.46 -26.22 -3.22
CA ASN B 113 -10.35 -26.97 -2.33
C ASN B 113 -10.71 -26.24 -1.02
N GLN B 114 -10.98 -24.92 -1.11
CA GLN B 114 -11.40 -24.11 0.03
C GLN B 114 -12.72 -23.43 -0.33
N GLU B 115 -13.62 -24.17 -1.01
CA GLU B 115 -14.94 -23.73 -1.45
C GLU B 115 -15.84 -23.35 -0.28
N SER B 116 -15.68 -24.01 0.88
CA SER B 116 -16.49 -23.72 2.06
C SER B 116 -16.16 -22.35 2.67
N CYS B 117 -14.94 -21.81 2.43
CA CYS B 117 -14.52 -20.50 2.95
C CYS B 117 -14.99 -19.31 1.98
N ILE B 118 -15.89 -19.60 0.98
CA ILE B 118 -16.49 -18.63 0.01
C ILE B 118 -17.65 -17.83 0.64
N GLU B 119 -18.54 -18.50 1.40
CA GLU B 119 -19.64 -17.83 2.12
C GLU B 119 -19.03 -16.89 3.23
N PRO B 120 -18.06 -17.33 4.09
CA PRO B 120 -17.44 -16.38 5.05
C PRO B 120 -16.68 -15.24 4.36
N LEU B 121 -16.14 -15.46 3.14
CA LEU B 121 -15.45 -14.40 2.37
C LEU B 121 -16.47 -13.33 1.98
N ALA B 122 -17.65 -13.75 1.50
CA ALA B 122 -18.71 -12.84 1.08
C ALA B 122 -19.22 -12.02 2.27
N GLU B 123 -19.23 -12.63 3.46
CA GLU B 123 -19.69 -11.98 4.67
C GLU B 123 -18.64 -10.97 5.15
N SER B 124 -17.33 -11.26 4.98
CA SER B 124 -16.21 -10.35 5.32
C SER B 124 -16.26 -9.11 4.43
N ILE B 125 -16.53 -9.30 3.12
CA ILE B 125 -16.63 -8.21 2.13
C ILE B 125 -17.77 -7.31 2.51
N THR B 126 -18.93 -7.90 2.87
CA THR B 126 -20.14 -7.17 3.31
C THR B 126 -19.86 -6.32 4.57
N ASP B 127 -19.10 -6.88 5.54
CA ASP B 127 -18.71 -6.14 6.75
C ASP B 127 -17.87 -4.93 6.40
N VAL B 128 -16.88 -5.06 5.53
CA VAL B 128 -16.06 -3.92 5.14
C VAL B 128 -16.92 -2.86 4.42
N LEU B 129 -17.72 -3.28 3.43
CA LEU B 129 -18.57 -2.36 2.68
C LEU B 129 -19.58 -1.58 3.56
N VAL B 130 -20.43 -2.29 4.30
CA VAL B 130 -21.52 -1.67 5.06
C VAL B 130 -21.03 -0.94 6.34
N ARG B 131 -20.03 -1.49 7.05
CA ARG B 131 -19.52 -0.85 8.27
C ARG B 131 -18.60 0.35 7.98
N THR B 132 -18.03 0.49 6.76
CA THR B 132 -17.19 1.68 6.50
C THR B 132 -17.91 2.71 5.65
N LYS B 133 -18.93 2.29 4.87
CA LYS B 133 -19.60 3.20 3.93
C LYS B 133 -21.12 3.34 4.10
N ARG B 134 -21.70 2.92 5.25
CA ARG B 134 -23.14 3.02 5.53
C ARG B 134 -23.79 4.34 5.07
N ASP B 135 -23.30 5.48 5.59
CA ASP B 135 -23.86 6.81 5.27
C ASP B 135 -23.85 7.16 3.79
N TRP B 136 -22.75 6.84 3.09
CA TRP B 136 -22.62 7.10 1.67
C TRP B 136 -23.64 6.24 0.93
N LEU B 137 -23.76 4.94 1.28
CA LEU B 137 -24.70 4.01 0.67
C LEU B 137 -26.15 4.48 0.82
N VAL B 138 -26.55 4.89 2.03
CA VAL B 138 -27.90 5.40 2.35
C VAL B 138 -28.23 6.64 1.47
N LYS B 139 -27.32 7.63 1.43
CA LYS B 139 -27.46 8.85 0.63
C LYS B 139 -27.48 8.57 -0.88
N GLN B 140 -26.84 7.47 -1.32
CA GLN B 140 -26.80 7.09 -2.72
C GLN B 140 -27.96 6.19 -3.11
N ARG B 141 -28.94 6.01 -2.18
CA ARG B 141 -30.18 5.21 -2.32
C ARG B 141 -29.95 3.70 -2.33
N GLY B 142 -28.82 3.27 -1.74
CA GLY B 142 -28.44 1.87 -1.61
C GLY B 142 -28.25 1.16 -2.92
N TRP B 143 -28.76 -0.08 -2.99
CA TRP B 143 -28.68 -0.91 -4.19
C TRP B 143 -29.53 -0.39 -5.35
N ASP B 144 -30.57 0.41 -5.06
CA ASP B 144 -31.38 1.04 -6.11
C ASP B 144 -30.53 2.10 -6.82
N GLY B 145 -29.73 2.86 -6.07
CA GLY B 145 -28.81 3.85 -6.61
C GLY B 145 -27.71 3.23 -7.45
N PHE B 146 -27.29 2.00 -7.08
CA PHE B 146 -26.26 1.22 -7.79
C PHE B 146 -26.77 0.80 -9.18
N VAL B 147 -28.03 0.32 -9.24
CA VAL B 147 -28.72 -0.11 -10.45
C VAL B 147 -28.88 1.05 -11.47
N GLU B 148 -29.39 2.25 -11.05
CA GLU B 148 -29.55 3.35 -12.02
C GLU B 148 -28.20 3.98 -12.38
N PHE B 149 -27.16 3.90 -11.49
CA PHE B 149 -25.83 4.42 -11.83
C PHE B 149 -25.25 3.65 -13.03
N PHE B 150 -25.47 2.33 -13.10
CA PHE B 150 -24.97 1.49 -14.20
C PHE B 150 -26.02 1.17 -15.27
N HIS B 151 -27.20 1.86 -15.24
CA HIS B 151 -28.29 1.58 -16.17
C HIS B 151 -27.90 1.86 -17.64
N VAL B 152 -27.34 3.05 -17.91
CA VAL B 152 -26.95 3.50 -19.25
C VAL B 152 -25.44 3.30 -19.51
N GLU B 153 -25.12 2.50 -20.57
CA GLU B 153 -23.79 2.12 -21.15
C GLU B 153 -23.40 0.69 -20.76
#